data_8Z28
#
_entry.id   8Z28
#
_cell.length_a   55.453
_cell.length_b   61.066
_cell.length_c   68.072
_cell.angle_alpha   90.000
_cell.angle_beta   90.000
_cell.angle_gamma   90.000
#
_symmetry.space_group_name_H-M   'P 21 21 21'
#
loop_
_entity.id
_entity.type
_entity.pdbx_description
1 polymer 'peptidylprolyl isomerase'
2 water water
#
_entity_poly.entity_id   1
_entity_poly.type   'polypeptide(L)'
_entity_poly.pdbx_seq_one_letter_code
;MGVTKTTTQQGTGPSPQVGQTVVIEYTGFLKDTSKPDNKGAQFDSSVGRGDFETAIGVQRVIKGWDEGVVSMKVGEKATL
DITADYGYGARGFPGAIPPNSDLIFDVYLKGIK
;
_entity_poly.pdbx_strand_id   A,B
#
# COMPACT_ATOMS: atom_id res chain seq x y z
N MET A 1 -12.04 9.19 16.92
CA MET A 1 -12.62 9.46 15.62
C MET A 1 -11.74 8.88 14.51
N GLY A 2 -10.71 8.12 14.91
CA GLY A 2 -9.86 7.47 13.93
C GLY A 2 -10.64 6.56 13.00
N VAL A 3 -11.57 5.79 13.55
CA VAL A 3 -12.48 4.99 12.74
C VAL A 3 -13.88 5.09 13.35
N THR A 4 -14.87 5.38 12.50
CA THR A 4 -16.27 5.36 12.89
C THR A 4 -16.98 4.27 12.10
N LYS A 5 -17.80 3.50 12.78
CA LYS A 5 -18.50 2.38 12.17
C LYS A 5 -20.00 2.68 12.11
N THR A 6 -20.59 2.38 10.96
CA THR A 6 -22.03 2.47 10.74
C THR A 6 -22.52 1.10 10.33
N THR A 7 -23.46 0.54 11.08
CA THR A 7 -23.92 -0.82 10.83
C THR A 7 -25.10 -0.79 9.87
N THR A 8 -24.97 -1.49 8.74
CA THR A 8 -26.06 -1.59 7.78
C THR A 8 -26.77 -2.93 7.80
N GLN A 9 -26.13 -3.98 8.33
CA GLN A 9 -26.79 -5.25 8.63
C GLN A 9 -26.23 -5.74 9.95
N GLN A 10 -27.10 -6.02 10.91
CA GLN A 10 -26.62 -6.52 12.18
C GLN A 10 -26.23 -8.00 12.05
N GLY A 11 -25.09 -8.36 12.62
CA GLY A 11 -24.68 -9.74 12.72
C GLY A 11 -24.87 -10.26 14.13
N THR A 12 -24.97 -11.58 14.24
CA THR A 12 -25.20 -12.20 15.54
C THR A 12 -24.19 -13.29 15.86
N GLY A 13 -23.21 -13.51 14.99
CA GLY A 13 -22.15 -14.45 15.26
C GLY A 13 -21.14 -13.90 16.23
N PRO A 14 -20.07 -14.65 16.46
CA PRO A 14 -19.01 -14.19 17.37
C PRO A 14 -18.33 -12.94 16.83
N SER A 15 -17.70 -12.22 17.74
CA SER A 15 -16.92 -11.05 17.37
C SER A 15 -15.45 -11.42 17.32
N PRO A 16 -14.72 -11.03 16.27
CA PRO A 16 -13.28 -11.36 16.21
C PRO A 16 -12.52 -10.78 17.39
N GLN A 17 -11.54 -11.57 17.85
CA GLN A 17 -10.64 -11.17 18.91
C GLN A 17 -9.21 -11.21 18.39
N VAL A 18 -8.29 -10.57 19.14
CA VAL A 18 -6.94 -10.34 18.66
C VAL A 18 -6.26 -11.65 18.29
N GLY A 19 -5.71 -11.70 17.07
CA GLY A 19 -5.02 -12.85 16.57
C GLY A 19 -5.85 -13.81 15.74
N GLN A 20 -7.17 -13.68 15.74
CA GLN A 20 -7.98 -14.58 14.95
C GLN A 20 -7.96 -14.16 13.49
N THR A 21 -8.16 -15.14 12.61
CA THR A 21 -8.26 -14.87 11.18
C THR A 21 -9.71 -14.60 10.81
N VAL A 22 -9.95 -13.47 10.17
CA VAL A 22 -11.26 -13.08 9.70
C VAL A 22 -11.34 -13.26 8.19
N VAL A 23 -12.57 -13.45 7.71
CA VAL A 23 -12.88 -13.53 6.29
C VAL A 23 -13.83 -12.38 6.00
N ILE A 24 -13.43 -11.47 5.10
CA ILE A 24 -14.23 -10.29 4.82
C ILE A 24 -14.38 -10.08 3.32
N GLU A 25 -15.51 -9.49 2.94
CA GLU A 25 -15.69 -8.91 1.61
C GLU A 25 -15.71 -7.41 1.81
N TYR A 26 -14.97 -6.67 0.98
CA TYR A 26 -14.85 -5.23 1.20
C TYR A 26 -14.77 -4.47 -0.12
N THR A 27 -15.13 -3.19 -0.06
CA THR A 27 -14.88 -2.22 -1.12
C THR A 27 -14.41 -0.92 -0.47
N GLY A 28 -13.35 -0.34 -1.01
CA GLY A 28 -12.76 0.88 -0.46
C GLY A 28 -12.90 2.06 -1.41
N PHE A 29 -13.21 3.22 -0.84
CA PHE A 29 -13.37 4.48 -1.56
C PHE A 29 -12.55 5.57 -0.91
N LEU A 30 -12.01 6.47 -1.71
CA LEU A 30 -11.47 7.70 -1.15
C LEU A 30 -12.64 8.56 -0.66
N LYS A 31 -12.53 9.07 0.57
CA LYS A 31 -13.58 9.94 1.07
C LYS A 31 -13.63 11.25 0.29
N ASP A 32 -14.84 11.68 -0.07
CA ASP A 32 -15.10 12.95 -0.75
C ASP A 32 -16.44 13.46 -0.25
N THR A 33 -16.42 14.48 0.60
CA THR A 33 -17.66 14.95 1.23
C THR A 33 -18.63 15.64 0.28
N SER A 34 -18.23 15.90 -0.96
CA SER A 34 -19.12 16.45 -1.97
C SER A 34 -19.89 15.39 -2.75
N LYS A 35 -19.61 14.11 -2.52
CA LYS A 35 -20.19 13.03 -3.30
C LYS A 35 -21.22 12.28 -2.47
N PRO A 36 -22.17 11.59 -3.11
CA PRO A 36 -23.18 10.84 -2.35
C PRO A 36 -22.54 9.85 -1.40
N ASP A 37 -23.03 9.83 -0.16
CA ASP A 37 -22.53 8.96 0.89
C ASP A 37 -21.05 9.20 1.21
N ASN A 38 -20.55 10.37 0.85
CA ASN A 38 -19.14 10.75 1.05
C ASN A 38 -18.17 9.83 0.31
N LYS A 39 -18.65 9.07 -0.67
CA LYS A 39 -17.81 8.12 -1.37
C LYS A 39 -17.25 8.73 -2.65
N GLY A 40 -15.95 8.99 -2.66
CA GLY A 40 -15.23 9.36 -3.87
C GLY A 40 -14.81 8.13 -4.64
N ALA A 41 -13.65 8.22 -5.29
CA ALA A 41 -13.24 7.17 -6.21
C ALA A 41 -13.03 5.84 -5.50
N GLN A 42 -13.55 4.77 -6.10
CA GLN A 42 -13.27 3.42 -5.62
C GLN A 42 -11.82 3.06 -5.95
N PHE A 43 -11.07 2.60 -4.96
CA PHE A 43 -9.67 2.26 -5.18
C PHE A 43 -9.36 0.77 -5.06
N ASP A 44 -10.23 -0.02 -4.46
CA ASP A 44 -9.95 -1.44 -4.27
C ASP A 44 -11.23 -2.14 -3.85
N SER A 45 -11.28 -3.46 -4.07
CA SER A 45 -12.41 -4.28 -3.67
C SER A 45 -12.01 -5.74 -3.76
N SER A 46 -12.56 -6.54 -2.86
CA SER A 46 -12.45 -7.99 -2.99
C SER A 46 -13.48 -8.57 -3.93
N VAL A 47 -14.51 -7.80 -4.30
CA VAL A 47 -15.58 -8.33 -5.13
C VAL A 47 -15.04 -8.74 -6.48
N GLY A 48 -15.36 -9.98 -6.90
CA GLY A 48 -14.84 -10.51 -8.14
C GLY A 48 -13.43 -11.03 -8.06
N ARG A 49 -12.75 -10.85 -6.93
CA ARG A 49 -11.41 -11.34 -6.71
C ARG A 49 -11.34 -12.49 -5.72
N GLY A 50 -12.25 -12.53 -4.75
CA GLY A 50 -12.21 -13.53 -3.69
C GLY A 50 -12.19 -12.86 -2.34
N ASP A 51 -12.87 -13.44 -1.36
CA ASP A 51 -12.88 -12.87 -0.02
C ASP A 51 -11.46 -12.77 0.53
N PHE A 52 -11.24 -11.73 1.31
CA PHE A 52 -9.95 -11.43 1.90
C PHE A 52 -9.84 -12.02 3.30
N GLU A 53 -8.71 -12.65 3.60
CA GLU A 53 -8.49 -13.27 4.89
C GLU A 53 -7.26 -12.67 5.54
N THR A 54 -7.36 -12.36 6.83
CA THR A 54 -6.21 -11.84 7.57
C THR A 54 -6.38 -12.12 9.05
N ALA A 55 -5.26 -12.36 9.73
CA ALA A 55 -5.27 -12.24 11.18
C ALA A 55 -5.57 -10.79 11.53
N ILE A 56 -6.38 -10.60 12.58
CA ILE A 56 -6.87 -9.27 12.94
C ILE A 56 -6.27 -8.82 14.26
N GLY A 57 -6.09 -7.51 14.40
CA GLY A 57 -5.56 -6.93 15.62
C GLY A 57 -4.07 -7.03 15.76
N VAL A 58 -3.34 -7.47 14.72
CA VAL A 58 -1.90 -7.70 14.80
C VAL A 58 -1.16 -6.87 13.75
N GLN A 59 -1.74 -5.75 13.32
CA GLN A 59 -1.07 -4.76 12.47
C GLN A 59 -0.70 -5.33 11.10
N ARG A 60 -1.45 -6.32 10.63
CA ARG A 60 -1.27 -6.84 9.28
C ARG A 60 -2.20 -6.16 8.29
N VAL A 61 -3.07 -5.26 8.77
CA VAL A 61 -3.88 -4.38 7.95
C VAL A 61 -3.86 -3.02 8.63
N ILE A 62 -4.44 -2.02 7.97
CA ILE A 62 -4.46 -0.67 8.54
C ILE A 62 -5.18 -0.63 9.90
N LYS A 63 -4.80 0.35 10.71
CA LYS A 63 -5.30 0.41 12.08
C LYS A 63 -6.83 0.53 12.10
N GLY A 64 -7.41 1.26 11.15
CA GLY A 64 -8.86 1.38 11.10
C GLY A 64 -9.57 0.06 10.88
N TRP A 65 -8.97 -0.85 10.10
CA TRP A 65 -9.50 -2.20 9.96
C TRP A 65 -9.31 -3.01 11.23
N ASP A 66 -8.12 -2.95 11.83
CA ASP A 66 -7.88 -3.73 13.05
C ASP A 66 -8.89 -3.34 14.12
N GLU A 67 -9.12 -2.05 14.30
CA GLU A 67 -10.04 -1.58 15.34
C GLU A 67 -11.50 -1.77 14.92
N GLY A 68 -11.83 -1.48 13.67
CA GLY A 68 -13.22 -1.62 13.25
C GLY A 68 -13.69 -3.06 13.23
N VAL A 69 -12.86 -3.97 12.70
CA VAL A 69 -13.33 -5.34 12.52
C VAL A 69 -13.49 -6.06 13.86
N VAL A 70 -12.63 -5.77 14.84
CA VAL A 70 -12.80 -6.44 16.14
C VAL A 70 -14.03 -5.95 16.87
N SER A 71 -14.68 -4.88 16.38
CA SER A 71 -15.94 -4.44 16.96
C SER A 71 -17.14 -5.05 16.27
N MET A 72 -16.95 -5.80 15.19
CA MET A 72 -18.03 -6.40 14.42
C MET A 72 -18.36 -7.81 14.91
N LYS A 73 -19.49 -8.33 14.45
CA LYS A 73 -19.91 -9.70 14.70
C LYS A 73 -20.08 -10.40 13.35
N VAL A 74 -19.77 -11.70 13.30
CA VAL A 74 -19.95 -12.42 12.05
C VAL A 74 -21.39 -12.27 11.57
N GLY A 75 -21.54 -11.96 10.28
CA GLY A 75 -22.82 -11.63 9.69
C GLY A 75 -23.06 -10.13 9.53
N GLU A 76 -22.23 -9.30 10.14
CA GLU A 76 -22.44 -7.86 10.14
C GLU A 76 -21.93 -7.25 8.83
N LYS A 77 -22.68 -6.31 8.29
CA LYS A 77 -22.20 -5.40 7.25
C LYS A 77 -22.11 -4.01 7.85
N ALA A 78 -21.00 -3.34 7.61
CA ALA A 78 -20.79 -2.02 8.18
C ALA A 78 -19.98 -1.18 7.22
N THR A 79 -20.09 0.12 7.38
CA THR A 79 -19.25 1.07 6.69
C THR A 79 -18.30 1.68 7.70
N LEU A 80 -17.00 1.64 7.40
CA LEU A 80 -15.96 2.20 8.25
C LEU A 80 -15.46 3.48 7.61
N ASP A 81 -15.51 4.58 8.36
CA ASP A 81 -14.99 5.86 7.89
C ASP A 81 -13.68 6.04 8.67
N ILE A 82 -12.56 6.03 7.96
CA ILE A 82 -11.23 5.90 8.54
C ILE A 82 -10.42 7.14 8.20
N THR A 83 -9.87 7.80 9.23
CA THR A 83 -9.03 8.95 8.94
C THR A 83 -7.71 8.51 8.34
N ALA A 84 -7.05 9.46 7.67
CA ALA A 84 -5.77 9.14 7.05
C ALA A 84 -4.78 8.54 8.05
N ASP A 85 -4.74 9.07 9.27
CA ASP A 85 -3.83 8.54 10.29
C ASP A 85 -4.11 7.08 10.62
N TYR A 86 -5.37 6.65 10.52
CA TYR A 86 -5.73 5.25 10.76
C TYR A 86 -5.74 4.43 9.47
N GLY A 87 -5.35 5.04 8.35
CA GLY A 87 -5.24 4.38 7.07
C GLY A 87 -3.80 4.34 6.62
N TYR A 88 -3.50 4.89 5.44
CA TYR A 88 -2.16 4.84 4.88
C TYR A 88 -1.36 6.11 5.10
N GLY A 89 -1.91 7.08 5.83
CA GLY A 89 -1.16 8.22 6.33
C GLY A 89 -0.54 9.07 5.23
N ALA A 90 0.64 9.62 5.54
CA ALA A 90 1.32 10.52 4.62
C ALA A 90 1.87 9.79 3.40
N ARG A 91 2.27 8.53 3.55
CA ARG A 91 2.78 7.77 2.41
C ARG A 91 1.68 7.51 1.40
N GLY A 92 0.47 7.20 1.87
CA GLY A 92 -0.49 6.70 0.93
C GLY A 92 -0.04 5.35 0.41
N PHE A 93 -0.56 5.00 -0.75
CA PHE A 93 -0.06 3.82 -1.43
C PHE A 93 0.03 4.16 -2.91
N PRO A 94 1.24 4.22 -3.45
CA PRO A 94 1.40 4.65 -4.85
C PRO A 94 0.54 3.83 -5.80
N GLY A 95 -0.10 4.52 -6.74
CA GLY A 95 -0.98 3.89 -7.69
C GLY A 95 -2.40 3.65 -7.22
N ALA A 96 -2.71 3.91 -5.94
CA ALA A 96 -4.06 3.63 -5.45
C ALA A 96 -4.59 4.70 -4.51
N ILE A 97 -3.79 5.13 -3.54
CA ILE A 97 -4.25 6.03 -2.49
C ILE A 97 -3.33 7.24 -2.36
N PRO A 98 -3.80 8.45 -2.60
CA PRO A 98 -2.94 9.64 -2.45
C PRO A 98 -2.52 9.84 -1.01
N PRO A 99 -1.43 10.58 -0.78
CA PRO A 99 -1.07 10.97 0.58
C PRO A 99 -2.24 11.63 1.32
N ASN A 100 -2.35 11.35 2.62
CA ASN A 100 -3.26 12.05 3.51
C ASN A 100 -4.74 11.88 3.12
N SER A 101 -5.13 10.66 2.76
CA SER A 101 -6.48 10.37 2.30
C SER A 101 -7.31 9.74 3.41
N ASP A 102 -8.42 10.37 3.75
CA ASP A 102 -9.44 9.66 4.53
C ASP A 102 -10.14 8.65 3.62
N LEU A 103 -10.59 7.55 4.22
CA LEU A 103 -11.08 6.40 3.46
C LEU A 103 -12.45 5.97 3.97
N ILE A 104 -13.27 5.43 3.08
CA ILE A 104 -14.56 4.81 3.43
C ILE A 104 -14.52 3.38 2.91
N PHE A 105 -14.80 2.42 3.78
CA PHE A 105 -14.88 1.02 3.37
C PHE A 105 -16.25 0.44 3.71
N ASP A 106 -16.82 -0.29 2.76
CA ASP A 106 -17.90 -1.20 3.07
C ASP A 106 -17.27 -2.54 3.42
N VAL A 107 -17.61 -3.08 4.58
CA VAL A 107 -17.02 -4.32 5.08
C VAL A 107 -18.13 -5.28 5.47
N TYR A 108 -18.01 -6.53 5.03
CA TYR A 108 -18.96 -7.59 5.37
C TYR A 108 -18.13 -8.69 6.04
N LEU A 109 -18.36 -8.92 7.32
CA LEU A 109 -17.61 -9.93 8.07
C LEU A 109 -18.30 -11.28 7.88
N LYS A 110 -17.68 -12.17 7.10
CA LYS A 110 -18.31 -13.43 6.74
C LYS A 110 -17.90 -14.60 7.62
N GLY A 111 -16.83 -14.49 8.39
CA GLY A 111 -16.43 -15.63 9.19
C GLY A 111 -15.19 -15.34 9.98
N ILE A 112 -14.96 -16.21 10.96
CA ILE A 112 -13.72 -16.30 11.73
C ILE A 112 -13.22 -17.72 11.55
N LYS A 113 -11.95 -17.87 11.17
CA LYS A 113 -11.44 -19.22 10.93
C LYS A 113 -11.24 -19.97 12.23
N MET B 1 21.83 -4.74 3.58
CA MET B 1 21.08 -5.70 2.75
C MET B 1 19.65 -5.21 2.47
N GLY B 2 19.21 -4.18 3.20
CA GLY B 2 17.83 -3.73 3.09
C GLY B 2 17.42 -3.46 1.65
N VAL B 3 18.28 -2.78 0.90
CA VAL B 3 18.07 -2.60 -0.53
C VAL B 3 19.40 -2.78 -1.24
N THR B 4 19.39 -3.56 -2.31
CA THR B 4 20.54 -3.69 -3.19
C THR B 4 20.16 -3.29 -4.60
N LYS B 5 21.12 -2.71 -5.31
CA LYS B 5 20.87 -2.07 -6.59
C LYS B 5 21.71 -2.73 -7.68
N THR B 6 21.08 -3.00 -8.82
CA THR B 6 21.77 -3.33 -10.06
C THR B 6 21.51 -2.20 -11.06
N THR B 7 22.56 -1.49 -11.45
CA THR B 7 22.40 -0.42 -12.43
C THR B 7 22.37 -1.01 -13.82
N THR B 8 21.32 -0.68 -14.57
CA THR B 8 21.13 -1.19 -15.93
C THR B 8 21.29 -0.13 -17.01
N GLN B 9 21.39 1.13 -16.62
CA GLN B 9 21.81 2.22 -17.51
C GLN B 9 22.45 3.27 -16.62
N GLN B 10 23.68 3.67 -16.91
CA GLN B 10 24.30 4.72 -16.12
C GLN B 10 23.61 6.06 -16.40
N GLY B 11 23.42 6.86 -15.36
CA GLY B 11 23.04 8.24 -15.53
C GLY B 11 24.27 9.13 -15.38
N THR B 12 24.17 10.34 -15.92
CA THR B 12 25.29 11.28 -15.85
C THR B 12 24.86 12.63 -15.29
N GLY B 13 23.61 12.79 -14.91
CA GLY B 13 23.17 14.01 -14.28
C GLY B 13 23.45 14.00 -12.79
N PRO B 14 22.85 14.94 -12.07
CA PRO B 14 23.12 15.07 -10.63
C PRO B 14 22.52 13.91 -9.85
N SER B 15 23.02 13.74 -8.62
CA SER B 15 22.51 12.73 -7.70
C SER B 15 21.70 13.41 -6.59
N PRO B 16 20.57 12.84 -6.18
CA PRO B 16 19.78 13.48 -5.11
C PRO B 16 20.48 13.42 -3.77
N GLN B 17 20.17 14.40 -2.94
CA GLN B 17 20.53 14.40 -1.53
C GLN B 17 19.26 14.47 -0.69
N VAL B 18 19.39 14.06 0.58
CA VAL B 18 18.24 13.97 1.48
C VAL B 18 17.47 15.28 1.50
N GLY B 19 16.16 15.20 1.30
CA GLY B 19 15.27 16.33 1.34
C GLY B 19 14.89 16.89 -0.02
N GLN B 20 15.65 16.58 -1.07
CA GLN B 20 15.28 17.04 -2.40
C GLN B 20 14.10 16.24 -2.96
N THR B 21 13.45 16.83 -3.96
CA THR B 21 12.33 16.19 -4.64
C THR B 21 12.83 15.57 -5.93
N VAL B 22 12.44 14.31 -6.16
CA VAL B 22 12.88 13.55 -7.32
C VAL B 22 11.68 13.21 -8.19
N VAL B 23 11.97 12.90 -9.45
CA VAL B 23 10.98 12.53 -10.45
C VAL B 23 11.39 11.16 -10.97
N ILE B 24 10.56 10.15 -10.73
CA ILE B 24 10.92 8.78 -11.11
C ILE B 24 9.84 8.10 -11.93
N GLU B 25 10.27 7.20 -12.80
CA GLU B 25 9.42 6.23 -13.48
C GLU B 25 9.75 4.86 -12.89
N TYR B 26 8.73 4.05 -12.60
CA TYR B 26 9.00 2.81 -11.87
C TYR B 26 8.01 1.72 -12.26
N THR B 27 8.41 0.47 -12.03
CA THR B 27 7.52 -0.68 -12.05
C THR B 27 7.87 -1.57 -10.88
N GLY B 28 6.86 -2.03 -10.14
CA GLY B 28 7.07 -2.85 -8.95
C GLY B 28 6.54 -4.26 -9.12
N PHE B 29 7.32 -5.23 -8.63
CA PHE B 29 6.97 -6.64 -8.67
C PHE B 29 7.16 -7.26 -7.28
N LEU B 30 6.32 -8.23 -6.95
CA LEU B 30 6.61 -9.08 -5.82
C LEU B 30 7.81 -9.94 -6.14
N LYS B 31 8.74 -10.06 -5.20
CA LYS B 31 9.89 -10.93 -5.42
C LYS B 31 9.43 -12.38 -5.45
N ASP B 32 9.90 -13.12 -6.45
CA ASP B 32 9.60 -14.55 -6.57
C ASP B 32 10.85 -15.20 -7.15
N THR B 33 11.58 -15.92 -6.31
CA THR B 33 12.86 -16.48 -6.74
C THR B 33 12.72 -17.62 -7.74
N SER B 34 11.49 -18.08 -8.02
CA SER B 34 11.29 -19.11 -9.03
C SER B 34 11.16 -18.53 -10.44
N LYS B 35 11.25 -17.21 -10.59
CA LYS B 35 11.01 -16.54 -11.86
C LYS B 35 12.28 -15.85 -12.34
N PRO B 36 12.40 -15.62 -13.65
CA PRO B 36 13.56 -14.87 -14.16
C PRO B 36 13.72 -13.52 -13.46
N ASP B 37 14.96 -13.21 -13.09
CA ASP B 37 15.33 -11.98 -12.39
C ASP B 37 14.56 -11.79 -11.09
N ASN B 38 14.02 -12.88 -10.57
CA ASN B 38 13.29 -12.91 -9.30
C ASN B 38 12.01 -12.06 -9.32
N LYS B 39 11.48 -11.76 -10.50
CA LYS B 39 10.32 -10.88 -10.62
C LYS B 39 9.04 -11.71 -10.70
N GLY B 40 8.24 -11.64 -9.63
CA GLY B 40 6.91 -12.21 -9.60
C GLY B 40 5.87 -11.24 -10.15
N ALA B 41 4.69 -11.22 -9.53
CA ALA B 41 3.57 -10.45 -10.08
C ALA B 41 3.86 -8.96 -10.04
N GLN B 42 3.52 -8.28 -11.15
CA GLN B 42 3.62 -6.82 -11.21
C GLN B 42 2.40 -6.24 -10.49
N PHE B 43 2.63 -5.39 -9.50
CA PHE B 43 1.53 -4.80 -8.75
C PHE B 43 1.29 -3.31 -9.04
N ASP B 44 2.24 -2.62 -9.66
CA ASP B 44 2.13 -1.18 -9.89
C ASP B 44 3.19 -0.75 -10.89
N SER B 45 2.90 0.34 -11.60
CA SER B 45 3.83 0.92 -12.56
C SER B 45 3.36 2.32 -12.90
N SER B 46 4.32 3.24 -13.10
CA SER B 46 4.03 4.56 -13.65
C SER B 46 4.16 4.60 -15.16
N VAL B 47 4.60 3.51 -15.79
CA VAL B 47 4.69 3.46 -17.24
C VAL B 47 3.30 3.56 -17.83
N GLY B 48 3.12 4.44 -18.81
CA GLY B 48 1.83 4.67 -19.41
C GLY B 48 0.97 5.68 -18.68
N ARG B 49 1.09 5.73 -17.35
CA ARG B 49 0.58 6.90 -16.63
C ARG B 49 1.69 7.94 -16.55
N GLY B 50 1.84 8.64 -15.42
CA GLY B 50 2.82 9.70 -15.31
C GLY B 50 3.82 9.48 -14.19
N ASP B 51 4.85 10.33 -14.19
CA ASP B 51 5.98 10.17 -13.26
C ASP B 51 5.55 10.38 -11.82
N PHE B 52 6.23 9.69 -10.93
CA PHE B 52 6.03 9.83 -9.50
C PHE B 52 7.03 10.88 -8.97
N GLU B 53 6.51 11.90 -8.30
CA GLU B 53 7.32 12.98 -7.76
C GLU B 53 7.21 12.96 -6.23
N THR B 54 8.35 12.93 -5.56
CA THR B 54 8.34 12.84 -4.11
C THR B 54 9.61 13.45 -3.54
N ALA B 55 9.48 14.02 -2.35
CA ALA B 55 10.66 14.31 -1.55
C ALA B 55 11.30 12.98 -1.16
N ILE B 56 12.64 12.95 -1.18
CA ILE B 56 13.38 11.71 -1.01
C ILE B 56 14.20 11.79 0.27
N GLY B 57 14.38 10.63 0.91
CA GLY B 57 15.16 10.54 2.13
C GLY B 57 14.44 10.98 3.39
N VAL B 58 13.14 11.28 3.31
CA VAL B 58 12.40 11.81 4.45
C VAL B 58 11.18 10.95 4.75
N GLN B 59 11.24 9.67 4.38
CA GLN B 59 10.23 8.68 4.76
C GLN B 59 8.85 8.99 4.16
N ARG B 60 8.82 9.65 3.01
CA ARG B 60 7.57 9.82 2.27
C ARG B 60 7.25 8.60 1.41
N VAL B 61 8.25 7.74 1.18
CA VAL B 61 8.13 6.50 0.44
C VAL B 61 8.85 5.43 1.24
N ILE B 62 8.75 4.19 0.76
CA ILE B 62 9.41 3.08 1.42
C ILE B 62 10.92 3.29 1.52
N LYS B 63 11.53 2.73 2.55
CA LYS B 63 12.95 2.95 2.83
C LYS B 63 13.82 2.53 1.66
N GLY B 64 13.44 1.45 0.96
CA GLY B 64 14.22 1.01 -0.18
C GLY B 64 14.29 2.02 -1.30
N TRP B 65 13.19 2.77 -1.50
CA TRP B 65 13.21 3.86 -2.47
C TRP B 65 14.04 5.03 -1.95
N ASP B 66 13.88 5.38 -0.66
CA ASP B 66 14.64 6.49 -0.11
C ASP B 66 16.14 6.27 -0.29
N GLU B 67 16.63 5.07 0.06
CA GLU B 67 18.05 4.79 -0.09
C GLU B 67 18.44 4.53 -1.53
N GLY B 68 17.63 3.75 -2.26
CA GLY B 68 17.97 3.40 -3.62
C GLY B 68 18.04 4.61 -4.53
N VAL B 69 17.04 5.49 -4.45
CA VAL B 69 16.99 6.64 -5.34
C VAL B 69 18.08 7.67 -5.02
N VAL B 70 18.38 7.88 -3.75
N VAL B 70 18.37 7.87 -3.73
CA VAL B 70 19.44 8.83 -3.44
CA VAL B 70 19.44 8.79 -3.36
C VAL B 70 20.79 8.36 -3.95
C VAL B 70 20.78 8.36 -3.96
N SER B 71 20.96 7.05 -4.15
CA SER B 71 22.20 6.52 -4.72
C SER B 71 22.31 6.69 -6.23
N MET B 72 21.25 7.14 -6.89
CA MET B 72 21.22 7.20 -8.35
C MET B 72 21.63 8.59 -8.87
N LYS B 73 21.88 8.66 -10.17
CA LYS B 73 22.10 9.90 -10.89
C LYS B 73 20.98 10.08 -11.90
N VAL B 74 20.61 11.33 -12.20
CA VAL B 74 19.58 11.54 -13.22
C VAL B 74 20.02 10.88 -14.52
N GLY B 75 19.10 10.16 -15.16
CA GLY B 75 19.39 9.34 -16.31
C GLY B 75 19.59 7.87 -16.00
N GLU B 76 19.78 7.52 -14.74
CA GLU B 76 20.09 6.15 -14.38
C GLU B 76 18.83 5.30 -14.38
N LYS B 77 18.96 4.08 -14.88
CA LYS B 77 17.97 3.02 -14.69
C LYS B 77 18.58 1.95 -13.80
N ALA B 78 17.82 1.46 -12.83
CA ALA B 78 18.34 0.46 -11.91
C ALA B 78 17.21 -0.45 -11.46
N THR B 79 17.59 -1.65 -11.05
CA THR B 79 16.67 -2.59 -10.43
C THR B 79 17.03 -2.69 -8.95
N LEU B 80 16.05 -2.42 -8.10
CA LEU B 80 16.21 -2.47 -6.65
C LEU B 80 15.60 -3.76 -6.11
N ASP B 81 16.38 -4.50 -5.33
CA ASP B 81 15.90 -5.68 -4.61
C ASP B 81 15.72 -5.24 -3.16
N ILE B 82 14.47 -5.21 -2.70
CA ILE B 82 14.10 -4.55 -1.46
C ILE B 82 13.50 -5.58 -0.50
N THR B 83 14.11 -5.70 0.68
CA THR B 83 13.54 -6.60 1.67
C THR B 83 12.22 -6.03 2.20
N ALA B 84 11.40 -6.93 2.76
CA ALA B 84 10.18 -6.48 3.42
C ALA B 84 10.46 -5.37 4.42
N ASP B 85 11.57 -5.48 5.16
CA ASP B 85 11.94 -4.45 6.15
C ASP B 85 12.00 -3.08 5.50
N TYR B 86 12.49 -3.02 4.26
CA TYR B 86 12.67 -1.78 3.52
C TYR B 86 11.54 -1.49 2.54
N GLY B 87 10.50 -2.33 2.52
CA GLY B 87 9.34 -2.10 1.68
C GLY B 87 8.09 -1.74 2.47
N TYR B 88 6.97 -2.41 2.17
CA TYR B 88 5.68 -2.12 2.79
C TYR B 88 5.45 -2.94 4.05
N GLY B 89 6.43 -3.72 4.48
CA GLY B 89 6.43 -4.28 5.82
C GLY B 89 5.29 -5.24 6.07
N ALA B 90 4.78 -5.21 7.30
CA ALA B 90 3.82 -6.21 7.75
C ALA B 90 2.43 -6.04 7.15
N ARG B 91 2.10 -4.86 6.65
CA ARG B 91 0.76 -4.71 6.07
C ARG B 91 0.71 -5.04 4.58
N GLY B 92 1.66 -4.53 3.82
CA GLY B 92 1.50 -4.62 2.39
C GLY B 92 0.29 -3.83 1.95
N PHE B 93 -0.49 -4.40 1.05
CA PHE B 93 -1.70 -3.77 0.57
C PHE B 93 -2.65 -4.88 0.14
N PRO B 94 -3.86 -4.94 0.69
CA PRO B 94 -4.73 -6.09 0.41
C PRO B 94 -4.95 -6.29 -1.07
N GLY B 95 -4.76 -7.54 -1.52
CA GLY B 95 -4.94 -7.90 -2.90
C GLY B 95 -3.75 -7.60 -3.81
N ALA B 96 -2.72 -6.91 -3.31
CA ALA B 96 -1.57 -6.57 -4.15
C ALA B 96 -0.25 -7.00 -3.53
N ILE B 97 -0.06 -6.72 -2.24
CA ILE B 97 1.19 -7.06 -1.56
C ILE B 97 0.89 -7.75 -0.24
N PRO B 98 1.22 -9.03 -0.10
CA PRO B 98 1.01 -9.71 1.19
C PRO B 98 1.90 -9.12 2.26
N PRO B 99 1.56 -9.31 3.54
CA PRO B 99 2.48 -8.95 4.62
C PRO B 99 3.86 -9.56 4.43
N ASN B 100 4.89 -8.81 4.83
CA ASN B 100 6.27 -9.28 4.85
C ASN B 100 6.77 -9.73 3.47
N SER B 101 6.46 -8.97 2.43
CA SER B 101 6.87 -9.29 1.07
C SER B 101 8.17 -8.58 0.67
N ASP B 102 9.16 -9.34 0.23
CA ASP B 102 10.26 -8.74 -0.50
C ASP B 102 9.77 -8.29 -1.89
N LEU B 103 10.39 -7.23 -2.40
CA LEU B 103 9.94 -6.55 -3.62
C LEU B 103 11.11 -6.33 -4.57
N ILE B 104 10.79 -6.27 -5.86
CA ILE B 104 11.75 -5.88 -6.90
C ILE B 104 11.15 -4.68 -7.62
N PHE B 105 11.92 -3.61 -7.79
CA PHE B 105 11.46 -2.47 -8.58
C PHE B 105 12.46 -2.15 -9.68
N ASP B 106 11.94 -1.85 -10.87
CA ASP B 106 12.71 -1.15 -11.88
C ASP B 106 12.45 0.33 -11.65
N VAL B 107 13.51 1.12 -11.51
N VAL B 107 13.50 1.11 -11.48
CA VAL B 107 13.40 2.55 -11.24
CA VAL B 107 13.38 2.55 -11.26
C VAL B 107 14.25 3.31 -12.26
C VAL B 107 14.24 3.29 -12.28
N TYR B 108 13.78 4.49 -12.64
CA TYR B 108 14.42 5.33 -13.66
C TYR B 108 14.32 6.76 -13.15
N LEU B 109 15.46 7.36 -12.80
CA LEU B 109 15.48 8.69 -12.22
C LEU B 109 15.58 9.72 -13.33
N LYS B 110 14.57 10.59 -13.44
CA LYS B 110 14.47 11.50 -14.57
C LYS B 110 14.58 12.97 -14.19
N GLY B 111 14.68 13.31 -12.92
CA GLY B 111 14.84 14.69 -12.56
C GLY B 111 14.96 14.89 -11.08
N ILE B 112 15.57 16.01 -10.71
CA ILE B 112 15.62 16.51 -9.35
C ILE B 112 15.15 17.96 -9.40
N LYS B 113 14.21 18.32 -8.53
CA LYS B 113 13.64 19.66 -8.56
C LYS B 113 14.56 20.68 -7.89
#